data_8T8Y
#
_entry.id   8T8Y
#
_cell.length_a   64.619
_cell.length_b   100.610
_cell.length_c   105.022
_cell.angle_alpha   90.00
_cell.angle_beta   90.00
_cell.angle_gamma   90.00
#
_symmetry.space_group_name_H-M   'C 2 2 21'
#
loop_
_entity.id
_entity.type
_entity.pdbx_description
1 polymer Kinase
2 non-polymer "ADENOSINE-5'-DIPHOSPHATE"
3 non-polymer 'MAGNESIUM ION'
4 non-polymer D-MYO-INOSITOL-1,4,5-TRIPHOSPHATE
5 water water
#
_entity_poly.entity_id   1
_entity_poly.type   'polypeptide(L)'
_entity_poly.pdbx_seq_one_letter_code
;DITNMSNIDLQSSKSVADEVIADIAEIVNKESIRIFPRIAGRSYIIYGQTSGIICKRMEKSDNEFVIYNYISEHYDKFLK
KYVPKLYGKNNDMLLLEDLTYNYNNPNVMDVKIGARKRKSHTSGFFSIRGYTNSHDYKFDPDEYLTSESTINHIKNFMEA
GGENRDKTKQVLLKWIMKLSELANDLFEINLKFDGVSLIFIYDDDCSKCDVNVVDFSRVKLIDTNDQMTISAVTNLIKIL
SELADNPLN
;
_entity_poly.pdbx_strand_id   A
#
loop_
_chem_comp.id
_chem_comp.type
_chem_comp.name
_chem_comp.formula
ADP non-polymer ADENOSINE-5'-DIPHOSPHATE 'C10 H15 N5 O10 P2'
I3P non-polymer D-MYO-INOSITOL-1,4,5-TRIPHOSPHATE 'C6 H15 O15 P3'
MG non-polymer 'MAGNESIUM ION' 'Mg 2'
#
# COMPACT_ATOMS: atom_id res chain seq x y z
N SER A 32 -25.71 4.47 12.12
CA SER A 32 -25.04 3.20 12.50
C SER A 32 -23.85 2.94 11.57
N ILE A 33 -23.33 1.71 11.57
CA ILE A 33 -21.98 1.33 11.07
C ILE A 33 -22.04 1.08 9.55
N ARG A 34 -21.18 1.76 8.77
CA ARG A 34 -20.94 1.46 7.33
C ARG A 34 -19.56 0.80 7.22
N ILE A 35 -19.52 -0.46 6.80
CA ILE A 35 -18.24 -1.21 6.60
C ILE A 35 -17.45 -0.47 5.53
N PHE A 36 -16.14 -0.35 5.71
CA PHE A 36 -15.23 0.30 4.72
C PHE A 36 -14.93 -0.70 3.62
N PRO A 37 -14.99 -0.30 2.33
CA PRO A 37 -14.73 -1.22 1.22
C PRO A 37 -13.22 -1.51 1.08
N ARG A 38 -12.68 -2.27 2.03
CA ARG A 38 -11.35 -2.93 1.96
C ARG A 38 -11.20 -3.58 0.57
N ILE A 39 -9.98 -3.55 0.02
CA ILE A 39 -9.68 -4.14 -1.30
C ILE A 39 -8.79 -5.38 -1.10
N ALA A 40 -8.41 -5.65 0.15
CA ALA A 40 -7.54 -6.77 0.55
C ALA A 40 -7.50 -6.85 2.08
N GLY A 41 -6.74 -7.79 2.64
CA GLY A 41 -6.64 -7.98 4.10
C GLY A 41 -7.89 -8.61 4.68
N ARG A 42 -8.11 -8.44 5.99
CA ARG A 42 -9.18 -9.16 6.74
C ARG A 42 -9.67 -8.37 7.97
N SER A 43 -8.97 -7.31 8.38
CA SER A 43 -9.28 -6.51 9.59
C SER A 43 -10.67 -5.90 9.48
N TYR A 44 -11.33 -5.71 10.63
CA TYR A 44 -12.59 -4.97 10.77
C TYR A 44 -12.27 -3.48 10.59
N ILE A 45 -12.60 -2.93 9.43
CA ILE A 45 -12.37 -1.50 9.09
C ILE A 45 -13.71 -0.90 8.70
N ILE A 46 -14.08 0.20 9.35
CA ILE A 46 -15.38 0.90 9.18
C ILE A 46 -15.07 2.36 8.87
N TYR A 47 -16.03 3.07 8.28
CA TYR A 47 -15.97 4.55 8.19
C TYR A 47 -16.11 5.11 9.60
N GLY A 48 -15.39 6.20 9.87
CA GLY A 48 -15.63 7.06 11.05
C GLY A 48 -17.05 7.58 11.05
N GLN A 49 -17.54 8.03 12.21
CA GLN A 49 -18.83 8.77 12.31
C GLN A 49 -18.67 10.13 11.61
N THR A 50 -17.43 10.47 11.27
CA THR A 50 -16.96 11.76 10.69
C THR A 50 -16.30 11.51 9.32
N SER A 51 -16.32 12.51 8.45
CA SER A 51 -15.67 12.53 7.11
C SER A 51 -14.15 12.31 7.19
N GLY A 52 -13.61 11.56 6.22
CA GLY A 52 -12.17 11.45 5.93
C GLY A 52 -11.43 10.55 6.92
N ILE A 53 -12.17 9.83 7.76
CA ILE A 53 -11.59 8.99 8.84
C ILE A 53 -12.10 7.57 8.65
N ILE A 54 -11.19 6.59 8.71
CA ILE A 54 -11.53 5.14 8.85
C ILE A 54 -11.05 4.66 10.21
N CYS A 55 -11.80 3.74 10.82
CA CYS A 55 -11.49 3.10 12.12
C CYS A 55 -11.05 1.66 11.85
N LYS A 56 -9.83 1.30 12.22
CA LYS A 56 -9.27 -0.06 12.03
C LYS A 56 -9.17 -0.77 13.40
N ARG A 57 -9.80 -1.93 13.53
CA ARG A 57 -9.71 -2.75 14.76
C ARG A 57 -8.39 -3.51 14.76
N MET A 58 -7.52 -3.18 15.73
CA MET A 58 -6.32 -3.97 16.07
C MET A 58 -6.78 -5.32 16.66
N GLU A 59 -6.15 -6.41 16.22
CA GLU A 59 -6.31 -7.77 16.78
C GLU A 59 -4.99 -8.18 17.42
N LYS A 60 -5.04 -9.08 18.41
CA LYS A 60 -3.85 -9.72 19.05
C LYS A 60 -3.22 -8.76 20.07
N SER A 61 -2.85 -7.54 19.68
CA SER A 61 -2.13 -6.56 20.52
C SER A 61 -2.22 -5.15 19.93
N ASP A 62 -1.62 -4.17 20.59
CA ASP A 62 -1.60 -2.76 20.13
C ASP A 62 -0.29 -2.47 19.39
N ASN A 63 0.47 -3.50 19.04
CA ASN A 63 1.76 -3.35 18.31
C ASN A 63 1.64 -2.29 17.21
N GLU A 64 0.59 -2.32 16.40
CA GLU A 64 0.42 -1.36 15.27
C GLU A 64 0.47 0.07 15.83
N PHE A 65 -0.22 0.34 16.96
CA PHE A 65 -0.21 1.64 17.68
C PHE A 65 1.21 1.95 18.18
N VAL A 66 1.86 0.98 18.82
CA VAL A 66 3.23 1.15 19.39
C VAL A 66 4.17 1.58 18.25
N ILE A 67 4.03 0.96 17.08
CA ILE A 67 4.95 1.19 15.92
C ILE A 67 4.62 2.56 15.28
N TYR A 68 3.34 2.96 15.16
CA TYR A 68 2.98 4.32 14.69
C TYR A 68 3.71 5.35 15.56
N ASN A 69 3.62 5.20 16.88
CA ASN A 69 4.20 6.17 17.85
C ASN A 69 5.72 6.11 17.75
N TYR A 70 6.29 4.92 17.66
CA TYR A 70 7.75 4.71 17.53
C TYR A 70 8.24 5.44 16.27
N ILE A 71 7.53 5.32 15.15
CA ILE A 71 7.94 6.01 13.88
C ILE A 71 7.80 7.51 14.10
N SER A 72 6.75 7.96 14.77
CA SER A 72 6.46 9.38 15.04
C SER A 72 7.63 10.03 15.81
N GLU A 73 8.24 9.31 16.76
CA GLU A 73 9.31 9.85 17.63
C GLU A 73 10.63 9.87 16.86
N HIS A 74 11.03 8.72 16.30
CA HIS A 74 12.39 8.46 15.78
C HIS A 74 12.52 8.74 14.27
N TYR A 75 11.41 8.93 13.54
CA TYR A 75 11.42 9.07 12.06
C TYR A 75 10.22 9.91 11.57
N ASP A 76 10.02 11.09 12.13
CA ASP A 76 8.87 11.99 11.83
C ASP A 76 8.74 12.20 10.31
N LYS A 77 9.85 12.36 9.61
CA LYS A 77 9.85 12.71 8.16
C LYS A 77 9.27 11.55 7.37
N PHE A 78 9.70 10.31 7.67
CA PHE A 78 9.20 9.07 7.02
C PHE A 78 7.69 9.02 7.20
N LEU A 79 7.22 9.25 8.44
CA LEU A 79 5.79 9.22 8.81
C LEU A 79 5.01 10.25 7.99
N LYS A 80 5.51 11.48 7.85
CA LYS A 80 4.84 12.59 7.10
C LYS A 80 4.73 12.23 5.62
N LYS A 81 5.80 11.71 5.01
CA LYS A 81 5.87 11.49 3.55
C LYS A 81 5.01 10.29 3.13
N TYR A 82 5.01 9.20 3.90
CA TYR A 82 4.65 7.85 3.40
C TYR A 82 3.47 7.19 4.13
N VAL A 83 3.09 7.61 5.34
CA VAL A 83 2.10 6.88 6.17
C VAL A 83 0.84 7.72 6.32
N PRO A 84 -0.37 7.13 6.25
CA PRO A 84 -1.59 7.86 6.59
C PRO A 84 -1.51 8.36 8.04
N LYS A 85 -1.95 9.60 8.27
CA LYS A 85 -2.09 10.21 9.62
C LYS A 85 -2.86 9.26 10.52
N LEU A 86 -2.33 9.02 11.72
CA LEU A 86 -3.09 8.44 12.85
C LEU A 86 -3.58 9.61 13.71
N TYR A 87 -4.88 9.89 13.66
CA TYR A 87 -5.53 11.02 14.38
C TYR A 87 -5.66 10.66 15.87
N GLY A 88 -5.80 9.37 16.18
CA GLY A 88 -5.88 8.93 17.58
C GLY A 88 -6.39 7.51 17.73
N LYS A 89 -6.68 7.13 18.97
CA LYS A 89 -7.03 5.75 19.37
C LYS A 89 -8.32 5.77 20.17
N ASN A 90 -9.15 4.74 20.02
CA ASN A 90 -10.41 4.56 20.77
C ASN A 90 -10.56 3.08 21.12
N ASN A 91 -10.16 2.69 22.32
CA ASN A 91 -9.97 1.28 22.77
C ASN A 91 -9.06 0.57 21.75
N ASP A 92 -9.60 -0.34 20.94
CA ASP A 92 -8.79 -1.20 20.05
C ASP A 92 -8.85 -0.65 18.61
N MET A 93 -9.49 0.52 18.43
CA MET A 93 -9.70 1.16 17.10
C MET A 93 -8.65 2.27 16.88
N LEU A 94 -7.91 2.16 15.78
CA LEU A 94 -7.04 3.25 15.24
C LEU A 94 -7.91 4.14 14.34
N LEU A 95 -7.97 5.44 14.64
CA LEU A 95 -8.64 6.45 13.78
C LEU A 95 -7.61 6.92 12.74
N LEU A 96 -7.75 6.46 11.50
CA LEU A 96 -6.74 6.68 10.43
C LEU A 96 -7.32 7.60 9.35
N GLU A 97 -6.46 8.43 8.76
CA GLU A 97 -6.74 9.13 7.48
C GLU A 97 -7.24 8.12 6.44
N ASP A 98 -8.40 8.39 5.84
CA ASP A 98 -8.92 7.62 4.67
C ASP A 98 -8.18 8.09 3.43
N LEU A 99 -7.26 7.27 2.91
CA LEU A 99 -6.43 7.59 1.73
C LEU A 99 -7.27 7.72 0.46
N THR A 100 -8.52 7.26 0.46
CA THR A 100 -9.42 7.35 -0.73
C THR A 100 -10.27 8.61 -0.65
N TYR A 101 -10.23 9.36 0.44
CA TYR A 101 -11.28 10.38 0.74
C TYR A 101 -11.26 11.48 -0.33
N ASN A 102 -10.08 11.94 -0.74
CA ASN A 102 -9.94 13.12 -1.66
C ASN A 102 -10.17 12.74 -3.12
N TYR A 103 -10.71 11.56 -3.43
CA TYR A 103 -10.91 11.09 -4.83
C TYR A 103 -12.41 10.99 -5.15
N ASN A 104 -12.78 11.41 -6.36
CA ASN A 104 -14.14 11.20 -6.92
C ASN A 104 -14.32 9.71 -7.23
N ASN A 105 -13.37 9.11 -7.97
CA ASN A 105 -13.46 7.70 -8.42
C ASN A 105 -12.12 7.00 -8.15
N PRO A 106 -11.86 6.64 -6.88
CA PRO A 106 -10.58 6.03 -6.50
C PRO A 106 -10.45 4.59 -7.01
N ASN A 107 -9.29 4.25 -7.55
CA ASN A 107 -8.87 2.87 -7.82
C ASN A 107 -7.71 2.53 -6.88
N VAL A 108 -7.84 1.46 -6.11
CA VAL A 108 -6.90 1.09 -5.02
C VAL A 108 -6.26 -0.26 -5.35
N MET A 109 -4.94 -0.39 -5.17
CA MET A 109 -4.20 -1.67 -5.16
C MET A 109 -3.37 -1.78 -3.88
N ASP A 110 -3.52 -2.90 -3.18
CA ASP A 110 -2.70 -3.29 -2.01
C ASP A 110 -1.58 -4.21 -2.53
N VAL A 111 -0.33 -3.80 -2.41
CA VAL A 111 0.85 -4.67 -2.74
C VAL A 111 1.67 -4.86 -1.47
N LYS A 112 1.85 -6.11 -1.05
CA LYS A 112 2.62 -6.52 0.16
C LYS A 112 4.11 -6.47 -0.19
N ILE A 113 4.86 -5.59 0.49
CA ILE A 113 6.33 -5.40 0.26
C ILE A 113 7.13 -5.90 1.45
N GLY A 114 6.53 -5.98 2.64
CA GLY A 114 7.21 -6.54 3.83
C GLY A 114 7.20 -8.06 3.78
N ALA A 115 8.06 -8.72 4.55
CA ALA A 115 8.10 -10.20 4.65
C ALA A 115 6.72 -10.71 5.07
N ARG A 116 6.28 -11.80 4.43
CA ARG A 116 5.08 -12.58 4.82
C ARG A 116 5.41 -13.42 6.06
N LYS A 117 4.41 -13.72 6.88
CA LYS A 117 4.55 -14.52 8.13
C LYS A 117 5.06 -15.92 7.82
N ARG A 118 4.42 -16.64 6.87
CA ARG A 118 4.55 -18.11 6.72
C ARG A 118 4.84 -18.53 5.28
N LYS A 119 4.31 -17.83 4.27
CA LYS A 119 4.40 -18.23 2.83
C LYS A 119 5.35 -17.28 2.11
N SER A 120 5.93 -17.69 0.99
CA SER A 120 6.77 -16.78 0.16
C SER A 120 5.85 -15.89 -0.69
N HIS A 121 6.40 -14.83 -1.26
CA HIS A 121 5.65 -13.82 -2.06
C HIS A 121 5.13 -14.46 -3.35
N THR A 122 3.94 -14.03 -3.79
CA THR A 122 3.23 -14.57 -4.97
C THR A 122 3.92 -14.10 -6.26
N SER A 123 4.68 -12.99 -6.22
CA SER A 123 5.48 -12.45 -7.36
C SER A 123 6.95 -12.35 -6.96
N GLY A 124 7.48 -13.27 -6.14
CA GLY A 124 8.92 -13.36 -5.85
C GLY A 124 9.37 -12.37 -4.78
N PHE A 125 9.36 -11.06 -5.05
CA PHE A 125 9.88 -10.02 -4.11
C PHE A 125 8.73 -9.26 -3.42
N PHE A 126 7.50 -9.38 -3.93
CA PHE A 126 6.29 -8.70 -3.39
C PHE A 126 5.06 -9.54 -3.75
N SER A 127 3.91 -9.23 -3.14
CA SER A 127 2.63 -9.93 -3.38
C SER A 127 1.52 -8.89 -3.57
N ILE A 128 0.95 -8.83 -4.77
CA ILE A 128 -0.34 -8.11 -4.99
C ILE A 128 -1.34 -8.78 -4.06
N ARG A 129 -2.03 -8.02 -3.20
CA ARG A 129 -2.98 -8.60 -2.22
C ARG A 129 -4.42 -8.40 -2.70
N GLY A 130 -4.64 -7.48 -3.64
CA GLY A 130 -5.99 -7.10 -4.08
C GLY A 130 -5.98 -5.76 -4.78
N TYR A 131 -7.06 -5.47 -5.51
CA TYR A 131 -7.25 -4.19 -6.21
C TYR A 131 -8.70 -4.01 -6.60
N THR A 132 -9.10 -2.75 -6.82
CA THR A 132 -10.46 -2.35 -7.26
C THR A 132 -10.80 -3.19 -8.51
N ASN A 133 -11.90 -3.96 -8.43
CA ASN A 133 -12.45 -4.81 -9.52
C ASN A 133 -11.63 -6.08 -9.70
N SER A 134 -10.78 -6.46 -8.72
CA SER A 134 -9.84 -7.61 -8.89
C SER A 134 -10.63 -8.90 -9.15
N HIS A 135 -11.82 -9.03 -8.58
CA HIS A 135 -12.63 -10.28 -8.69
C HIS A 135 -13.07 -10.46 -10.15
N ASP A 136 -13.31 -9.36 -10.86
CA ASP A 136 -13.79 -9.33 -12.27
C ASP A 136 -12.72 -9.87 -13.23
N TYR A 137 -11.43 -9.78 -12.86
CA TYR A 137 -10.28 -10.34 -13.61
C TYR A 137 -9.83 -11.67 -13.02
N LYS A 138 -10.59 -12.24 -12.08
CA LYS A 138 -10.33 -13.56 -11.45
C LYS A 138 -8.98 -13.54 -10.73
N PHE A 139 -8.58 -12.38 -10.19
CA PHE A 139 -7.43 -12.28 -9.27
C PHE A 139 -7.68 -13.18 -8.06
N ASP A 140 -6.67 -13.92 -7.63
CA ASP A 140 -6.73 -14.80 -6.45
C ASP A 140 -5.49 -14.52 -5.59
N PRO A 141 -5.65 -13.98 -4.37
CA PRO A 141 -4.50 -13.64 -3.53
C PRO A 141 -3.61 -14.83 -3.20
N ASP A 142 -4.06 -16.06 -3.46
CA ASP A 142 -3.34 -17.33 -3.14
C ASP A 142 -2.58 -17.87 -4.35
N GLU A 143 -2.87 -17.39 -5.56
CA GLU A 143 -2.26 -17.87 -6.82
C GLU A 143 -0.84 -17.30 -6.94
N TYR A 144 0.16 -18.17 -7.05
CA TYR A 144 1.56 -17.78 -7.38
C TYR A 144 1.60 -17.44 -8.87
N LEU A 145 2.19 -16.29 -9.18
CA LEU A 145 2.15 -15.63 -10.51
C LEU A 145 3.55 -15.66 -11.15
N THR A 146 3.60 -15.86 -12.46
CA THR A 146 4.77 -15.60 -13.32
C THR A 146 4.98 -14.09 -13.40
N SER A 147 6.11 -13.65 -13.97
CA SER A 147 6.37 -12.24 -14.36
C SER A 147 5.20 -11.71 -15.20
N GLU A 148 4.72 -12.52 -16.15
CA GLU A 148 3.72 -12.08 -17.16
C GLU A 148 2.38 -11.82 -16.45
N SER A 149 1.92 -12.74 -15.59
CA SER A 149 0.65 -12.63 -14.82
C SER A 149 0.72 -11.45 -13.86
N THR A 150 1.88 -11.23 -13.23
CA THR A 150 2.12 -10.09 -12.30
C THR A 150 1.86 -8.78 -13.06
N ILE A 151 2.42 -8.65 -14.25
CA ILE A 151 2.31 -7.42 -15.09
C ILE A 151 0.87 -7.28 -15.56
N ASN A 152 0.24 -8.38 -15.98
CA ASN A 152 -1.16 -8.39 -16.46
C ASN A 152 -2.08 -7.85 -15.38
N HIS A 153 -1.83 -8.21 -14.11
CA HIS A 153 -2.71 -7.82 -12.97
C HIS A 153 -2.54 -6.32 -12.71
N ILE A 154 -1.31 -5.81 -12.78
CA ILE A 154 -1.05 -4.35 -12.66
C ILE A 154 -1.75 -3.63 -13.83
N LYS A 155 -1.64 -4.17 -15.04
CA LYS A 155 -2.33 -3.62 -16.24
C LYS A 155 -3.84 -3.60 -15.97
N ASN A 156 -4.37 -4.67 -15.36
CA ASN A 156 -5.79 -4.79 -14.95
C ASN A 156 -6.15 -3.64 -14.00
N PHE A 157 -5.34 -3.43 -12.96
CA PHE A 157 -5.50 -2.32 -12.00
C PHE A 157 -5.56 -0.99 -12.77
N MET A 158 -4.76 -0.86 -13.83
CA MET A 158 -4.63 0.42 -14.58
C MET A 158 -5.77 0.56 -15.59
N GLU A 159 -6.57 -0.47 -15.84
CA GLU A 159 -7.59 -0.44 -16.93
C GLU A 159 -8.60 0.69 -16.69
N ALA A 160 -8.96 1.03 -15.44
CA ALA A 160 -9.92 2.11 -15.12
C ALA A 160 -9.37 3.47 -15.58
N GLY A 161 -8.06 3.57 -15.83
CA GLY A 161 -7.39 4.80 -16.32
C GLY A 161 -7.74 5.17 -17.75
N GLY A 162 -8.39 4.28 -18.51
CA GLY A 162 -8.74 4.50 -19.92
C GLY A 162 -7.57 4.23 -20.85
N GLU A 163 -7.77 4.42 -22.16
CA GLU A 163 -6.73 4.24 -23.22
C GLU A 163 -5.77 5.44 -23.25
N ASN A 164 -6.21 6.60 -22.73
CA ASN A 164 -5.42 7.86 -22.65
C ASN A 164 -3.99 7.51 -22.18
N ARG A 165 -3.16 7.04 -23.12
CA ARG A 165 -1.88 6.34 -22.88
C ARG A 165 -0.96 7.19 -21.99
N ASP A 166 -1.03 8.51 -22.11
CA ASP A 166 0.01 9.41 -21.54
C ASP A 166 -0.56 10.21 -20.34
N LYS A 167 -1.78 9.90 -19.89
CA LYS A 167 -2.22 10.32 -18.53
C LYS A 167 -1.95 9.17 -17.55
N THR A 168 -2.09 7.91 -17.98
CA THR A 168 -1.66 6.73 -17.18
C THR A 168 -0.13 6.79 -16.98
N LYS A 169 0.62 7.15 -18.01
CA LYS A 169 2.09 7.33 -17.94
C LYS A 169 2.44 8.31 -16.81
N GLN A 170 1.73 9.43 -16.72
CA GLN A 170 1.93 10.45 -15.64
C GLN A 170 1.63 9.84 -14.27
N VAL A 171 0.60 8.98 -14.16
CA VAL A 171 0.29 8.28 -12.89
C VAL A 171 1.46 7.36 -12.52
N LEU A 172 1.95 6.57 -13.47
CA LEU A 172 3.07 5.63 -13.24
C LEU A 172 4.31 6.43 -12.81
N LEU A 173 4.57 7.57 -13.44
CA LEU A 173 5.82 8.36 -13.19
C LEU A 173 5.75 8.96 -11.79
N LYS A 174 4.58 9.42 -11.34
CA LYS A 174 4.44 9.99 -9.98
C LYS A 174 4.59 8.87 -8.94
N TRP A 175 4.10 7.67 -9.23
CA TRP A 175 4.31 6.50 -8.32
C TRP A 175 5.81 6.20 -8.25
N ILE A 176 6.50 6.16 -9.39
CA ILE A 176 7.96 5.87 -9.45
C ILE A 176 8.71 6.91 -8.60
N MET A 177 8.37 8.19 -8.76
CA MET A 177 9.00 9.32 -8.03
C MET A 177 9.00 9.02 -6.53
N LYS A 178 7.83 8.70 -5.97
CA LYS A 178 7.67 8.51 -4.51
C LYS A 178 8.29 7.18 -4.06
N LEU A 179 8.12 6.09 -4.83
CA LEU A 179 8.69 4.76 -4.52
C LEU A 179 10.23 4.86 -4.47
N SER A 180 10.83 5.60 -5.39
CA SER A 180 12.30 5.88 -5.46
C SER A 180 12.78 6.54 -4.16
N GLU A 181 12.08 7.56 -3.69
CA GLU A 181 12.43 8.30 -2.45
C GLU A 181 12.25 7.35 -1.26
N LEU A 182 11.21 6.53 -1.29
CA LEU A 182 10.90 5.55 -0.22
C LEU A 182 12.04 4.53 -0.11
N ALA A 183 12.36 3.84 -1.21
CA ALA A 183 13.45 2.84 -1.27
C ALA A 183 14.73 3.47 -0.72
N ASN A 184 15.00 4.73 -1.09
CA ASN A 184 16.20 5.51 -0.67
C ASN A 184 16.18 5.78 0.84
N ASP A 185 15.02 6.16 1.39
CA ASP A 185 14.85 6.49 2.82
C ASP A 185 14.90 5.19 3.66
N LEU A 186 14.45 4.07 3.11
CA LEU A 186 14.42 2.78 3.86
C LEU A 186 15.83 2.34 4.27
N PHE A 187 16.89 2.80 3.60
CA PHE A 187 18.30 2.41 3.93
C PHE A 187 18.71 2.92 5.33
N GLU A 188 18.07 4.00 5.78
CA GLU A 188 18.44 4.72 7.03
C GLU A 188 17.39 4.44 8.12
N ILE A 189 16.58 3.39 7.99
CA ILE A 189 15.45 3.10 8.92
C ILE A 189 15.58 1.69 9.49
N ASN A 190 15.78 1.59 10.81
CA ASN A 190 16.11 0.35 11.54
C ASN A 190 14.80 -0.30 12.03
N LEU A 191 14.02 -0.80 11.07
CA LEU A 191 12.72 -1.49 11.29
C LEU A 191 12.64 -2.68 10.34
N LYS A 192 12.09 -3.79 10.81
CA LYS A 192 11.69 -4.91 9.93
C LYS A 192 10.20 -4.69 9.61
N PHE A 193 9.93 -4.24 8.38
CA PHE A 193 8.59 -3.88 7.88
C PHE A 193 7.76 -5.13 7.55
N ASP A 194 7.84 -6.16 8.39
CA ASP A 194 7.10 -7.44 8.19
C ASP A 194 5.63 -7.10 7.89
N GLY A 195 5.16 -7.51 6.71
CA GLY A 195 3.74 -7.50 6.36
C GLY A 195 3.23 -6.17 5.81
N VAL A 196 4.03 -5.10 5.80
CA VAL A 196 3.52 -3.77 5.36
C VAL A 196 3.12 -3.87 3.88
N SER A 197 2.16 -3.05 3.48
CA SER A 197 1.65 -2.95 2.10
C SER A 197 1.81 -1.52 1.59
N LEU A 198 2.11 -1.39 0.31
CA LEU A 198 1.87 -0.17 -0.49
C LEU A 198 0.39 -0.15 -0.86
N ILE A 199 -0.28 0.98 -0.67
CA ILE A 199 -1.65 1.24 -1.18
C ILE A 199 -1.51 2.26 -2.32
N PHE A 200 -1.55 1.77 -3.56
CA PHE A 200 -1.56 2.62 -4.78
C PHE A 200 -2.98 3.11 -5.03
N ILE A 201 -3.14 4.40 -5.31
CA ILE A 201 -4.48 5.00 -5.58
C ILE A 201 -4.38 5.98 -6.74
N TYR A 202 -5.31 5.89 -7.68
CA TYR A 202 -5.45 6.83 -8.81
C TYR A 202 -6.94 7.06 -9.07
N ASP A 203 -7.29 8.27 -9.47
CA ASP A 203 -8.67 8.64 -9.89
C ASP A 203 -8.89 8.14 -11.33
N ASP A 204 -10.14 7.80 -11.68
CA ASP A 204 -10.54 7.39 -13.06
C ASP A 204 -10.01 8.41 -14.07
N ASP A 205 -10.11 9.71 -13.77
CA ASP A 205 -9.73 10.79 -14.72
C ASP A 205 -8.21 10.98 -14.75
N CYS A 206 -7.47 10.22 -13.93
CA CYS A 206 -5.98 10.26 -13.80
C CYS A 206 -5.49 11.65 -13.37
N SER A 207 -6.34 12.47 -12.75
CA SER A 207 -6.02 13.85 -12.30
C SER A 207 -5.16 13.80 -11.04
N LYS A 208 -5.31 12.73 -10.26
CA LYS A 208 -4.69 12.57 -8.93
C LYS A 208 -4.24 11.12 -8.76
N CYS A 209 -3.12 10.91 -8.06
CA CYS A 209 -2.68 9.58 -7.59
C CYS A 209 -1.79 9.75 -6.37
N ASP A 210 -1.49 8.66 -5.69
CA ASP A 210 -0.53 8.64 -4.56
C ASP A 210 -0.25 7.17 -4.24
N VAL A 211 0.76 6.95 -3.40
CA VAL A 211 1.06 5.62 -2.81
C VAL A 211 1.56 5.86 -1.39
N ASN A 212 1.14 5.03 -0.45
CA ASN A 212 1.48 5.18 1.00
C ASN A 212 1.62 3.79 1.61
N VAL A 213 2.33 3.69 2.74
CA VAL A 213 2.57 2.40 3.43
C VAL A 213 1.55 2.25 4.55
N VAL A 214 0.98 1.05 4.70
CA VAL A 214 -0.01 0.72 5.76
C VAL A 214 0.29 -0.66 6.33
N ASP A 215 -0.39 -1.00 7.43
CA ASP A 215 -0.35 -2.30 8.17
C ASP A 215 1.00 -2.44 8.88
N PHE A 216 1.12 -1.82 10.06
CA PHE A 216 2.33 -1.90 10.91
C PHE A 216 2.09 -2.93 12.02
N SER A 217 1.13 -3.83 11.83
CA SER A 217 0.66 -4.79 12.85
C SER A 217 1.80 -5.72 13.27
N ARG A 218 2.69 -6.09 12.34
CA ARG A 218 3.74 -7.13 12.52
C ARG A 218 5.14 -6.51 12.37
N VAL A 219 5.25 -5.18 12.37
CA VAL A 219 6.56 -4.47 12.24
C VAL A 219 7.36 -4.57 13.56
N LYS A 220 8.66 -4.82 13.45
CA LYS A 220 9.59 -5.10 14.58
C LYS A 220 10.75 -4.11 14.54
N LEU A 221 11.32 -3.80 15.72
CA LEU A 221 12.61 -3.11 15.88
C LEU A 221 13.75 -4.07 15.51
N ILE A 222 14.74 -3.55 14.78
CA ILE A 222 16.04 -4.24 14.51
C ILE A 222 17.13 -3.17 14.53
N ASP A 223 18.40 -3.56 14.38
CA ASP A 223 19.56 -2.62 14.43
C ASP A 223 20.18 -2.55 13.03
N THR A 224 19.39 -2.83 11.99
CA THR A 224 19.76 -2.68 10.55
C THR A 224 18.54 -2.25 9.74
N ASN A 225 18.74 -1.90 8.47
CA ASN A 225 17.65 -1.62 7.51
C ASN A 225 17.09 -2.96 7.01
N ASP A 226 15.94 -2.90 6.33
CA ASP A 226 15.20 -4.09 5.85
C ASP A 226 15.42 -4.22 4.33
N GLN A 227 16.42 -5.03 3.97
CA GLN A 227 16.84 -5.33 2.58
C GLN A 227 15.74 -6.07 1.83
N MET A 228 14.99 -6.94 2.51
CA MET A 228 13.89 -7.70 1.86
C MET A 228 12.88 -6.69 1.30
N THR A 229 12.45 -5.74 2.14
CA THR A 229 11.46 -4.68 1.83
C THR A 229 12.04 -3.73 0.78
N ILE A 230 13.29 -3.33 0.91
CA ILE A 230 13.96 -2.47 -0.11
C ILE A 230 13.89 -3.18 -1.48
N SER A 231 14.22 -4.46 -1.55
CA SER A 231 14.21 -5.26 -2.80
C SER A 231 12.81 -5.33 -3.40
N ALA A 232 11.77 -5.34 -2.57
CA ALA A 232 10.36 -5.32 -3.00
C ALA A 232 10.06 -4.01 -3.73
N VAL A 233 10.47 -2.88 -3.16
CA VAL A 233 10.22 -1.53 -3.75
C VAL A 233 10.99 -1.41 -5.07
N THR A 234 12.27 -1.79 -5.11
CA THR A 234 13.12 -1.63 -6.32
C THR A 234 12.60 -2.52 -7.44
N ASN A 235 12.15 -3.74 -7.14
CA ASN A 235 11.51 -4.65 -8.14
C ASN A 235 10.21 -3.98 -8.65
N LEU A 236 9.39 -3.40 -7.78
CA LEU A 236 8.17 -2.67 -8.20
C LEU A 236 8.57 -1.50 -9.10
N ILE A 237 9.58 -0.72 -8.69
CA ILE A 237 10.07 0.44 -9.49
C ILE A 237 10.45 -0.07 -10.88
N LYS A 238 11.19 -1.18 -10.95
CA LYS A 238 11.61 -1.80 -12.23
C LYS A 238 10.37 -2.06 -13.10
N ILE A 239 9.39 -2.77 -12.54
CA ILE A 239 8.18 -3.20 -13.31
C ILE A 239 7.43 -1.95 -13.79
N LEU A 240 7.14 -0.99 -12.90
CA LEU A 240 6.37 0.23 -13.25
C LEU A 240 7.13 1.04 -14.32
N SER A 241 8.46 1.08 -14.25
CA SER A 241 9.34 1.78 -15.23
C SER A 241 9.17 1.20 -16.64
N GLU A 242 9.22 -0.14 -16.74
CA GLU A 242 8.99 -0.92 -18.00
C GLU A 242 7.61 -0.58 -18.56
N LEU A 243 6.61 -0.42 -17.69
CA LEU A 243 5.23 -0.05 -18.10
C LEU A 243 5.21 1.40 -18.59
N ALA A 244 5.82 2.32 -17.85
CA ALA A 244 5.81 3.77 -18.19
C ALA A 244 6.52 3.97 -19.53
N ASP A 245 7.45 3.09 -19.90
CA ASP A 245 8.33 3.28 -21.09
C ASP A 245 7.71 2.66 -22.34
N ASN A 246 7.25 1.40 -22.28
CA ASN A 246 7.03 0.56 -23.49
C ASN A 246 5.96 1.21 -24.38
N PRO A 247 6.10 1.12 -25.72
CA PRO A 247 5.32 1.94 -26.65
C PRO A 247 4.04 1.28 -27.19
PB ADP B . -5.38 -5.87 7.44
O1B ADP B . -4.35 -6.52 6.51
O2B ADP B . -6.79 -6.13 7.01
O3B ADP B . -5.15 -6.19 8.88
PA ADP B . -4.43 -3.27 6.29
O1A ADP B . -3.51 -4.03 5.39
O2A ADP B . -3.86 -2.17 7.12
O3A ADP B . -5.17 -4.26 7.32
O5' ADP B . -5.68 -2.72 5.44
C5' ADP B . -6.33 -3.62 4.52
C4' ADP B . -7.05 -2.83 3.46
O4' ADP B . -7.72 -1.68 4.04
C3' ADP B . -6.17 -2.25 2.34
O3' ADP B . -6.03 -3.24 1.32
C2' ADP B . -6.96 -1.01 1.89
O2' ADP B . -7.92 -1.29 0.89
C1' ADP B . -7.67 -0.58 3.17
N9 ADP B . -7.00 0.49 3.90
C8 ADP B . -6.20 0.34 5.02
N7 ADP B . -5.76 1.48 5.50
C5 ADP B . -6.33 2.44 4.67
C6 ADP B . -6.25 3.84 4.68
N6 ADP B . -5.58 4.54 5.57
N1 ADP B . -6.96 4.50 3.72
C2 ADP B . -7.66 3.79 2.83
N3 ADP B . -7.80 2.47 2.72
C4 ADP B . -7.10 1.84 3.69
MG MG C . -2.46 -5.90 5.42
MG MG D . -5.31 -14.89 11.59
C1 I3P E . -1.29 -13.06 9.41
C2 I3P E . -2.54 -12.18 9.51
C3 I3P E . -2.30 -10.88 8.78
C4 I3P E . -1.98 -11.14 7.31
C5 I3P E . -0.70 -11.97 7.22
C6 I3P E . -0.94 -13.32 7.95
O1 I3P E . -1.44 -14.34 10.07
O2 I3P E . -3.69 -12.85 8.92
O3 I3P E . -3.46 -10.04 8.92
O4 I3P E . -1.79 -9.87 6.65
O5 I3P E . -0.34 -12.17 5.81
O6 I3P E . 0.24 -14.14 7.95
P1 I3P E . -1.78 -14.49 11.68
O11 I3P E . -0.72 -13.54 12.27
O12 I3P E . -3.28 -13.98 11.74
O13 I3P E . -1.66 -15.93 12.04
P4 I3P E . -2.86 -9.28 5.62
O41 I3P E . -2.14 -7.95 5.19
O42 I3P E . -4.15 -9.05 6.50
O43 I3P E . -3.01 -10.28 4.53
P5 I3P E . 1.19 -12.13 5.25
O51 I3P E . 1.65 -10.72 5.74
O52 I3P E . 0.75 -12.34 3.75
O53 I3P E . 1.71 -13.28 5.99
#